data_7QX9
#
_entry.id   7QX9
#
_cell.length_a   37.528
_cell.length_b   34.961
_cell.length_c   37.562
_cell.angle_alpha   90.000
_cell.angle_beta   91.880
_cell.angle_gamma   90.000
#
_symmetry.space_group_name_H-M   'P 1 21 1'
#
loop_
_entity.id
_entity.type
_entity.pdbx_description
1 polymer 'Bromodomain adjacent to zinc finger domain protein 2A'
2 non-polymer 3-[[4-(4-ethanoyl-3,5-dimethyl-1~{H}-pyrrol-2-yl)-1,3-thiazol-2-yl]methyl]imidazolidine-2,4-dione
3 water water
#
_entity_poly.entity_id   1
_entity_poly.type   'polypeptide(L)'
_entity_poly.pdbx_seq_one_letter_code
;SMHSDLTFCEIILMEMESHDAAWPFLEPVNPRLVSGYRRIIKNPMDFSTMRHRLSRGGYTSSEEFAADALLVFDNCQTFN
EDDSEVGKAGHIMRRFFESRWEEFY
;
_entity_poly.pdbx_strand_id   A
#
loop_
_chem_comp.id
_chem_comp.type
_chem_comp.name
_chem_comp.formula
G2U non-polymer 3-[[4-(4-ethanoyl-3,5-dimethyl-1~{H}-pyrrol-2-yl)-1,3-thiazol-2-yl]methyl]imidazolidine-2,4-dione 'C15 H16 N4 O3 S'
#
# COMPACT_ATOMS: atom_id res chain seq x y z
N HIS A 3 -14.25 4.35 -11.91
CA HIS A 3 -14.16 5.10 -13.16
C HIS A 3 -12.86 4.79 -13.90
N SER A 4 -12.90 4.98 -15.22
CA SER A 4 -11.69 4.85 -16.02
C SER A 4 -10.69 5.96 -15.71
N ASP A 5 -11.11 7.04 -15.04
CA ASP A 5 -10.11 8.07 -14.84
CA ASP A 5 -10.22 8.14 -14.68
C ASP A 5 -9.06 7.66 -13.81
N LEU A 6 -9.27 6.57 -13.08
CA LEU A 6 -8.27 6.09 -12.14
C LEU A 6 -7.48 4.90 -12.70
N THR A 7 -7.53 4.67 -14.01
CA THR A 7 -6.77 3.57 -14.58
C THR A 7 -5.29 3.65 -14.19
N PHE A 8 -4.73 4.85 -14.14
CA PHE A 8 -3.30 4.93 -13.86
C PHE A 8 -3.01 4.49 -12.45
N CYS A 9 -3.97 4.67 -11.53
CA CYS A 9 -3.79 4.11 -10.19
C CYS A 9 -3.89 2.60 -10.19
N GLU A 10 -4.80 2.00 -10.97
CA GLU A 10 -4.79 0.54 -11.10
C GLU A 10 -3.41 0.07 -11.55
N ILE A 11 -2.80 0.77 -12.49
CA ILE A 11 -1.49 0.36 -12.98
C ILE A 11 -0.43 0.50 -11.89
N ILE A 12 -0.41 1.64 -11.19
CA ILE A 12 0.56 1.79 -10.10
C ILE A 12 0.38 0.67 -9.07
N LEU A 13 -0.87 0.36 -8.72
CA LEU A 13 -1.08 -0.70 -7.74
C LEU A 13 -0.56 -2.04 -8.25
N MET A 14 -0.82 -2.36 -9.52
CA MET A 14 -0.32 -3.60 -10.09
CA MET A 14 -0.31 -3.59 -10.10
C MET A 14 1.20 -3.65 -10.03
N GLU A 15 1.86 -2.54 -10.39
CA GLU A 15 3.30 -2.48 -10.33
C GLU A 15 3.78 -2.70 -8.90
N MET A 16 3.06 -2.14 -7.92
CA MET A 16 3.42 -2.41 -6.53
C MET A 16 3.20 -3.89 -6.18
N GLU A 17 2.09 -4.48 -6.58
CA GLU A 17 1.77 -5.88 -6.20
C GLU A 17 2.80 -6.84 -6.77
N SER A 18 3.38 -6.50 -7.92
CA SER A 18 4.35 -7.34 -8.60
C SER A 18 5.79 -7.01 -8.23
N HIS A 19 6.00 -6.05 -7.34
CA HIS A 19 7.33 -5.63 -6.97
C HIS A 19 7.96 -6.66 -6.06
N ASP A 20 9.28 -6.80 -6.18
CA ASP A 20 10.01 -7.78 -5.39
C ASP A 20 9.86 -7.56 -3.88
N ALA A 21 9.70 -6.31 -3.44
CA ALA A 21 9.59 -5.94 -2.04
C ALA A 21 8.16 -5.85 -1.56
N ALA A 22 7.20 -6.30 -2.37
CA ALA A 22 5.79 -6.16 -2.03
C ALA A 22 5.26 -7.23 -1.08
N TRP A 23 5.99 -8.32 -0.87
CA TRP A 23 5.43 -9.51 -0.22
C TRP A 23 4.81 -9.28 1.16
N PRO A 24 5.28 -8.29 1.96
CA PRO A 24 4.62 -8.06 3.24
C PRO A 24 3.26 -7.40 3.12
N PHE A 25 2.94 -6.78 1.98
CA PHE A 25 1.83 -5.82 1.90
C PHE A 25 0.69 -6.31 1.03
N LEU A 26 0.71 -7.59 0.63
CA LEU A 26 -0.26 -8.04 -0.35
C LEU A 26 -1.62 -8.33 0.27
N GLU A 27 -1.67 -8.69 1.55
CA GLU A 27 -2.91 -9.02 2.22
C GLU A 27 -2.90 -8.40 3.61
N PRO A 28 -4.07 -8.25 4.23
CA PRO A 28 -4.09 -7.72 5.60
C PRO A 28 -3.22 -8.54 6.54
N VAL A 29 -2.52 -7.85 7.46
CA VAL A 29 -1.75 -8.52 8.48
C VAL A 29 -2.70 -9.33 9.35
N ASN A 30 -2.33 -10.58 9.61
CA ASN A 30 -3.20 -11.48 10.33
C ASN A 30 -2.95 -11.34 11.83
N PRO A 31 -3.95 -10.96 12.63
CA PRO A 31 -3.73 -10.80 14.06
C PRO A 31 -3.50 -12.10 14.77
N ARG A 32 -3.79 -13.24 14.13
CA ARG A 32 -3.41 -14.52 14.72
C ARG A 32 -1.92 -14.76 14.63
N LEU A 33 -1.22 -14.09 13.72
CA LEU A 33 0.19 -14.30 13.51
C LEU A 33 1.07 -13.15 13.96
N VAL A 34 0.50 -11.98 14.21
CA VAL A 34 1.28 -10.82 14.63
C VAL A 34 0.57 -10.26 15.87
N SER A 35 1.09 -10.64 17.03
CA SER A 35 0.41 -10.34 18.28
C SER A 35 0.27 -8.84 18.50
N GLY A 36 -0.97 -8.41 18.70
CA GLY A 36 -1.28 -7.03 18.98
C GLY A 36 -1.21 -6.08 17.79
N TYR A 37 -1.11 -6.61 16.58
CA TYR A 37 -0.89 -5.71 15.43
C TYR A 37 -2.01 -4.69 15.32
N ARG A 38 -3.27 -5.17 15.35
CA ARG A 38 -4.45 -4.31 15.16
C ARG A 38 -4.68 -3.48 16.43
N ARG A 39 -4.08 -3.84 17.56
CA ARG A 39 -4.12 -2.98 18.72
C ARG A 39 -3.18 -1.81 18.54
N ILE A 40 -2.00 -2.05 17.97
CA ILE A 40 -1.00 -0.99 17.80
C ILE A 40 -1.34 -0.12 16.58
N ILE A 41 -1.82 -0.73 15.51
CA ILE A 41 -2.09 -0.08 14.23
C ILE A 41 -3.60 0.11 14.09
N LYS A 42 -4.06 1.36 14.25
CA LYS A 42 -5.49 1.61 14.33
C LYS A 42 -6.19 1.39 13.00
N ASN A 43 -5.49 1.75 11.92
CA ASN A 43 -6.02 1.72 10.55
C ASN A 43 -5.15 0.88 9.64
N PRO A 44 -5.26 -0.45 9.73
CA PRO A 44 -4.48 -1.31 8.85
C PRO A 44 -4.81 -1.04 7.40
N MET A 45 -3.84 -1.29 6.54
CA MET A 45 -4.07 -1.13 5.11
C MET A 45 -3.10 -2.04 4.36
N ASP A 46 -3.52 -2.48 3.18
CA ASP A 46 -2.76 -3.40 2.36
C ASP A 46 -3.22 -3.27 0.92
N PHE A 47 -2.43 -3.87 0.00
CA PHE A 47 -2.70 -3.69 -1.42
C PHE A 47 -3.97 -4.42 -1.87
N SER A 48 -4.33 -5.57 -1.32
CA SER A 48 -5.58 -6.22 -1.72
CA SER A 48 -5.57 -6.21 -1.74
C SER A 48 -6.78 -5.37 -1.33
N THR A 49 -6.77 -4.82 -0.13
CA THR A 49 -7.85 -3.93 0.27
C THR A 49 -7.95 -2.77 -0.68
N MET A 50 -6.81 -2.19 -1.08
CA MET A 50 -6.84 -1.11 -2.06
C MET A 50 -7.35 -1.60 -3.40
N ARG A 51 -6.95 -2.81 -3.80
CA ARG A 51 -7.37 -3.32 -5.10
C ARG A 51 -8.87 -3.51 -5.12
N HIS A 52 -9.43 -3.98 -4.00
CA HIS A 52 -10.87 -4.20 -3.97
C HIS A 52 -11.60 -2.89 -4.02
N ARG A 53 -11.07 -1.87 -3.35
CA ARG A 53 -11.71 -0.57 -3.36
CA ARG A 53 -11.72 -0.57 -3.36
C ARG A 53 -11.71 0.04 -4.75
N LEU A 54 -10.59 -0.05 -5.46
CA LEU A 54 -10.56 0.38 -6.86
C LEU A 54 -11.55 -0.41 -7.70
N SER A 55 -11.58 -1.73 -7.53
CA SER A 55 -12.38 -2.59 -8.39
C SER A 55 -13.88 -2.29 -8.28
N ARG A 56 -14.33 -1.81 -7.13
CA ARG A 56 -15.73 -1.46 -6.95
C ARG A 56 -15.98 0.00 -7.21
N GLY A 57 -14.95 0.76 -7.60
CA GLY A 57 -15.10 2.19 -7.81
C GLY A 57 -15.22 2.99 -6.53
N GLY A 58 -14.64 2.50 -5.44
CA GLY A 58 -14.81 3.11 -4.15
C GLY A 58 -13.88 4.24 -3.81
N TYR A 59 -12.97 4.63 -4.70
CA TYR A 59 -12.13 5.81 -4.48
C TYR A 59 -12.77 7.00 -5.15
N THR A 60 -12.92 8.07 -4.39
CA THR A 60 -13.48 9.30 -4.96
C THR A 60 -12.41 10.15 -5.61
N SER A 61 -11.14 9.83 -5.41
CA SER A 61 -10.10 10.64 -6.03
C SER A 61 -8.80 9.85 -6.01
N SER A 62 -7.84 10.29 -6.83
CA SER A 62 -6.52 9.67 -6.77
C SER A 62 -5.81 10.02 -5.47
N GLU A 63 -6.08 11.20 -4.90
CA GLU A 63 -5.48 11.54 -3.62
C GLU A 63 -5.87 10.55 -2.53
N GLU A 64 -7.11 10.07 -2.55
CA GLU A 64 -7.53 9.05 -1.57
C GLU A 64 -6.75 7.75 -1.73
N PHE A 65 -6.49 7.37 -2.98
CA PHE A 65 -5.69 6.19 -3.27
C PHE A 65 -4.27 6.37 -2.74
N ALA A 66 -3.64 7.52 -3.01
CA ALA A 66 -2.30 7.76 -2.50
C ALA A 66 -2.25 7.76 -0.99
N ALA A 67 -3.28 8.31 -0.32
CA ALA A 67 -3.32 8.26 1.14
C ALA A 67 -3.28 6.83 1.64
N ASP A 68 -4.03 5.94 0.98
CA ASP A 68 -4.00 4.53 1.40
C ASP A 68 -2.62 3.94 1.16
N ALA A 69 -1.98 4.21 0.04
CA ALA A 69 -0.63 3.71 -0.16
C ALA A 69 0.31 4.16 0.96
N LEU A 70 0.31 5.45 1.27
CA LEU A 70 1.21 5.95 2.30
C LEU A 70 0.88 5.34 3.63
N LEU A 71 -0.40 5.01 3.85
CA LEU A 71 -0.82 4.40 5.11
C LEU A 71 -0.20 3.02 5.26
N VAL A 72 -0.13 2.26 4.17
CA VAL A 72 0.60 0.99 4.21
C VAL A 72 2.00 1.21 4.77
N PHE A 73 2.73 2.17 4.23
CA PHE A 73 4.12 2.36 4.58
C PHE A 73 4.29 3.01 5.95
N ASP A 74 3.40 3.96 6.30
CA ASP A 74 3.40 4.51 7.66
C ASP A 74 3.11 3.42 8.71
N ASN A 75 2.14 2.56 8.46
CA ASN A 75 1.92 1.46 9.39
C ASN A 75 3.15 0.59 9.53
N CYS A 76 3.78 0.25 8.41
CA CYS A 76 4.99 -0.59 8.43
C CYS A 76 6.09 0.05 9.26
N GLN A 77 6.33 1.34 9.08
CA GLN A 77 7.35 2.05 9.83
C GLN A 77 6.99 2.17 11.31
N THR A 78 5.70 2.24 11.63
CA THR A 78 5.25 2.27 13.02
C THR A 78 5.55 0.97 13.74
N PHE A 79 5.36 -0.17 13.06
CA PHE A 79 5.36 -1.46 13.73
C PHE A 79 6.69 -2.19 13.65
N ASN A 80 7.49 -1.94 12.64
CA ASN A 80 8.66 -2.75 12.33
C ASN A 80 9.94 -1.95 12.44
N GLU A 81 11.03 -2.64 12.78
CA GLU A 81 12.33 -2.00 12.86
C GLU A 81 12.87 -1.75 11.46
N ASP A 82 13.67 -0.68 11.32
CA ASP A 82 14.21 -0.32 10.01
C ASP A 82 15.07 -1.43 9.41
N ASP A 83 15.80 -2.18 10.23
CA ASP A 83 16.68 -3.21 9.70
C ASP A 83 16.01 -4.58 9.63
N SER A 84 14.74 -4.67 10.00
CA SER A 84 14.00 -5.91 9.82
C SER A 84 13.66 -6.11 8.36
N GLU A 85 13.26 -7.33 8.02
CA GLU A 85 12.97 -7.62 6.62
C GLU A 85 11.72 -6.87 6.16
N VAL A 86 10.66 -6.91 6.94
CA VAL A 86 9.47 -6.14 6.60
C VAL A 86 9.77 -4.63 6.63
N GLY A 87 10.55 -4.18 7.61
CA GLY A 87 10.86 -2.76 7.67
C GLY A 87 11.67 -2.29 6.49
N LYS A 88 12.66 -3.08 6.07
CA LYS A 88 13.39 -2.77 4.83
C LYS A 88 12.45 -2.70 3.64
N ALA A 89 11.54 -3.67 3.51
CA ALA A 89 10.65 -3.69 2.35
C ALA A 89 9.76 -2.45 2.30
N GLY A 90 9.30 -1.96 3.45
CA GLY A 90 8.43 -0.80 3.45
C GLY A 90 9.14 0.46 2.96
N HIS A 91 10.39 0.65 3.36
CA HIS A 91 11.15 1.79 2.84
C HIS A 91 11.38 1.66 1.34
N ILE A 92 11.69 0.46 0.85
CA ILE A 92 11.82 0.28 -0.60
C ILE A 92 10.52 0.61 -1.29
N MET A 93 9.40 0.11 -0.76
CA MET A 93 8.13 0.31 -1.45
C MET A 93 7.67 1.76 -1.40
N ARG A 94 7.91 2.46 -0.28
CA ARG A 94 7.54 3.88 -0.23
C ARG A 94 8.20 4.66 -1.36
N ARG A 95 9.51 4.49 -1.55
CA ARG A 95 10.18 5.22 -2.60
C ARG A 95 9.65 4.80 -3.96
N PHE A 96 9.39 3.51 -4.15
CA PHE A 96 8.85 3.08 -5.43
C PHE A 96 7.53 3.77 -5.71
N PHE A 97 6.63 3.78 -4.72
CA PHE A 97 5.36 4.45 -4.92
C PHE A 97 5.58 5.92 -5.19
N GLU A 98 6.44 6.56 -4.40
CA GLU A 98 6.65 7.99 -4.59
C GLU A 98 7.17 8.29 -6.00
N SER A 99 8.09 7.45 -6.48
CA SER A 99 8.66 7.67 -7.81
CA SER A 99 8.66 7.67 -7.81
C SER A 99 7.61 7.56 -8.90
N ARG A 100 6.66 6.65 -8.75
CA ARG A 100 5.64 6.49 -9.77
CA ARG A 100 5.63 6.48 -9.75
C ARG A 100 4.61 7.60 -9.69
N TRP A 101 4.26 8.02 -8.47
CA TRP A 101 3.37 9.14 -8.29
C TRP A 101 3.95 10.41 -8.88
N GLU A 102 5.25 10.64 -8.68
CA GLU A 102 5.89 11.84 -9.21
C GLU A 102 5.88 11.88 -10.73
N GLU A 103 5.60 10.76 -11.41
CA GLU A 103 5.52 10.78 -12.87
C GLU A 103 4.23 11.44 -13.37
N PHE A 104 3.24 11.59 -12.49
CA PHE A 104 1.99 12.29 -12.80
C PHE A 104 1.83 13.59 -12.04
N TYR A 105 2.56 13.79 -10.94
CA TYR A 105 2.38 14.96 -10.08
C TYR A 105 3.69 15.63 -9.67
C01 G2U B . 4.26 -6.98 11.32
C02 G2U B . 4.10 -6.50 9.88
C04 G2U B . 3.99 -7.47 8.72
C05 G2U B . 3.52 -7.07 7.49
C06 G2U B . 3.03 -5.69 7.05
C08 G2U B . 4.01 -9.17 7.30
C09 G2U B . 4.32 -8.79 8.59
C10 G2U B . 4.89 -9.71 9.66
C11 G2U B . 4.19 -10.50 6.60
C12 G2U B . 5.05 -11.56 6.94
C14 G2U B . 3.80 -12.04 4.88
C15 G2U B . 3.22 -12.63 3.62
C17 G2U B . 2.35 -14.99 4.23
C19 G2U B . 2.83 -16.37 3.94
C21 G2U B . 4.34 -14.85 2.94
N07 G2U B . 3.54 -8.10 6.68
N16 G2U B . 3.29 -14.08 3.61
N20 G2U B . 4.04 -16.27 3.16
N23 G2U B . 3.47 -10.80 5.37
O03 G2U B . 4.02 -5.34 9.73
O18 G2U B . 1.38 -14.70 4.85
O22 G2U B . 5.26 -14.39 2.34
S13 G2U B . 4.91 -12.73 5.87
H012 G2U B . 3.55 -6.65 11.86
H013 G2U B . 5.11 -6.67 11.67
H011 G2U B . 4.26 -7.96 11.33
H061 G2U B . 2.11 -5.76 6.76
H063 G2U B . 3.08 -5.07 7.81
H062 G2U B . 3.59 -5.36 6.34
H102 G2U B . 5.44 -9.20 10.27
H103 G2U B . 5.44 -10.40 9.23
H101 G2U B . 4.17 -10.14 10.15
H121 G2U B . 5.60 -11.58 7.69
H151 G2U B . 3.71 -12.29 2.86
H152 G2U B . 2.30 -12.35 3.54
H192 G2U B . 2.16 -16.78 3.36
H191 G2U B . 3.07 -16.77 4.79
H071 G2U B . 3.30 -8.08 5.85
H201 G2U B . 4.51 -16.94 2.87
#